data_6DFB
#
_entry.id   6DFB
#
_cell.length_a   44.467
_cell.length_b   184.271
_cell.length_c   105.188
_cell.angle_alpha   90.00
_cell.angle_beta   90.00
_cell.angle_gamma   90.00
#
_symmetry.space_group_name_H-M   'C 2 2 2'
#
loop_
_entity.id
_entity.type
_entity.pdbx_description
1 polymer 'Transcriptional regulator Kaiso'
2 polymer "DNA (5'-D(*TP*GP*CP*TP*TP*CP*CP*TP*GP*CP*CP*AP*AP*TP*AP*AP*CP*G)-3')"
3 polymer "DNA (5'-D(*CP*GP*TP*TP*AP*TP*TP*GP*GP*CP*AP*GP*GP*AP*AP*GP*CP*A)-3')"
4 non-polymer 'ZINC ION'
5 non-polymer 'CHLORIDE ION'
6 water water
#
loop_
_entity_poly.entity_id
_entity_poly.type
_entity_poly.pdbx_seq_one_letter_code
_entity_poly.pdbx_strand_id
1 'polypeptide(L)'
;MANKRMKVKHDDHYELIVDGRVYYICIVCKRSYVCLTSLRRHFNIHSWEKKYPCRYCEKVFPLAEYRTAHEIHHTGERRY
QCLACGKSFINYQFMSSHIKSVHSQDPSGDSKLYRLHPCRSLQIRQYAYLSDRS
;
A
2 'polydeoxyribonucleotide' (DT)(DG)(DC)(DT)(DT)(DC)(DC)(DT)(DG)(DC)(DC)(DA)(DA)(DT)(DA)(DA)(DC)(DG) D
3 'polydeoxyribonucleotide' (DC)(DG)(DT)(DT)(DA)(DT)(DT)(DG)(DG)(DC)(DA)(DG)(DG)(DA)(DA)(DG)(DC)(DA) E
#
loop_
_chem_comp.id
_chem_comp.type
_chem_comp.name
_chem_comp.formula
CL non-polymer 'CHLORIDE ION' 'Cl -1'
DA DNA linking 2'-DEOXYADENOSINE-5'-MONOPHOSPHATE 'C10 H14 N5 O6 P'
DC DNA linking 2'-DEOXYCYTIDINE-5'-MONOPHOSPHATE 'C9 H14 N3 O7 P'
DG DNA linking 2'-DEOXYGUANOSINE-5'-MONOPHOSPHATE 'C10 H14 N5 O7 P'
DT DNA linking THYMIDINE-5'-MONOPHOSPHATE 'C10 H15 N2 O8 P'
ZN non-polymer 'ZINC ION' 'Zn 2'
#
# COMPACT_ATOMS: atom_id res chain seq x y z
N ASP A 11 19.02 -17.96 0.22
CA ASP A 11 19.01 -18.21 -1.22
C ASP A 11 17.57 -18.27 -1.71
N ASP A 12 17.12 -17.21 -2.36
CA ASP A 12 15.69 -17.07 -2.64
C ASP A 12 15.37 -16.61 -4.06
N HIS A 13 16.39 -16.44 -4.89
CA HIS A 13 16.12 -15.93 -6.23
C HIS A 13 17.15 -16.34 -7.26
N TYR A 14 16.83 -16.07 -8.52
CA TYR A 14 17.83 -16.09 -9.56
C TYR A 14 17.64 -14.83 -10.40
N GLU A 15 18.61 -14.53 -11.25
CA GLU A 15 18.55 -13.34 -12.10
C GLU A 15 18.30 -13.71 -13.54
N LEU A 16 17.47 -12.90 -14.19
CA LEU A 16 17.15 -13.06 -15.58
C LEU A 16 17.49 -11.73 -16.24
N ILE A 17 18.30 -11.76 -17.29
CA ILE A 17 18.71 -10.52 -17.95
C ILE A 17 18.28 -10.50 -19.39
N VAL A 18 17.34 -9.61 -19.71
CA VAL A 18 16.87 -9.45 -21.08
C VAL A 18 17.08 -8.03 -21.55
N ASP A 19 17.76 -7.88 -22.67
CA ASP A 19 18.05 -6.56 -23.26
C ASP A 19 18.78 -5.65 -22.29
N GLY A 20 19.67 -6.22 -21.49
CA GLY A 20 20.43 -5.46 -20.52
C GLY A 20 19.67 -5.18 -19.24
N ARG A 21 18.35 -5.40 -19.27
CA ARG A 21 17.52 -5.18 -18.10
C ARG A 21 17.56 -6.36 -17.14
N VAL A 22 17.85 -6.08 -15.87
CA VAL A 22 17.97 -7.13 -14.86
C VAL A 22 16.67 -7.35 -14.10
N TYR A 23 16.23 -8.61 -14.05
CA TYR A 23 15.04 -8.99 -13.27
C TYR A 23 15.42 -10.01 -12.21
N TYR A 24 14.80 -9.89 -11.04
CA TYR A 24 15.03 -10.86 -9.96
C TYR A 24 13.79 -11.74 -9.84
N ILE A 25 14.00 -13.05 -9.95
CA ILE A 25 12.91 -14.01 -10.00
C ILE A 25 12.82 -14.82 -8.72
N CYS A 26 11.67 -14.82 -8.07
CA CYS A 26 11.47 -15.64 -6.89
C CYS A 26 11.65 -17.12 -7.24
N ILE A 27 12.53 -17.80 -6.51
CA ILE A 27 12.81 -19.20 -6.78
C ILE A 27 11.63 -20.11 -6.42
N VAL A 28 10.70 -19.62 -5.60
CA VAL A 28 9.55 -20.43 -5.19
C VAL A 28 8.36 -20.31 -6.16
N CYS A 29 7.95 -19.08 -6.48
CA CYS A 29 6.72 -18.85 -7.27
C CYS A 29 6.99 -18.22 -8.64
N LYS A 30 8.24 -17.89 -8.90
CA LYS A 30 8.70 -17.35 -10.19
C LYS A 30 8.16 -15.95 -10.51
N ARG A 31 7.72 -15.20 -9.50
CA ARG A 31 7.34 -13.82 -9.72
C ARG A 31 8.57 -12.99 -10.03
N SER A 32 8.42 -11.99 -10.90
CA SER A 32 9.54 -11.16 -11.33
C SER A 32 9.56 -9.81 -10.63
N TYR A 33 10.75 -9.34 -10.23
CA TYR A 33 10.89 -8.05 -9.55
C TYR A 33 12.01 -7.21 -10.17
N VAL A 34 11.75 -5.93 -10.28
CA VAL A 34 12.71 -4.97 -10.82
C VAL A 34 13.80 -4.69 -9.78
N CYS A 35 13.47 -4.80 -8.50
CA CYS A 35 14.50 -4.60 -7.50
C CYS A 35 14.47 -5.68 -6.45
N LEU A 36 15.65 -5.96 -5.90
CA LEU A 36 15.83 -7.04 -4.94
C LEU A 36 15.08 -6.78 -3.62
N THR A 37 14.95 -5.52 -3.24
CA THR A 37 14.24 -5.20 -2.01
C THR A 37 12.80 -5.73 -2.08
N SER A 38 12.19 -5.61 -3.25
CA SER A 38 10.83 -6.09 -3.45
C SER A 38 10.74 -7.61 -3.37
N LEU A 39 11.72 -8.29 -3.93
CA LEU A 39 11.74 -9.74 -3.85
C LEU A 39 11.85 -10.18 -2.39
N ARG A 40 12.74 -9.52 -1.64
CA ARG A 40 12.95 -9.87 -0.24
C ARG A 40 11.68 -9.60 0.58
N ARG A 41 11.01 -8.48 0.28
CA ARG A 41 9.75 -8.14 0.97
C ARG A 41 8.68 -9.17 0.63
N HIS A 42 8.58 -9.50 -0.66
CA HIS A 42 7.67 -10.56 -1.13
C HIS A 42 7.95 -11.93 -0.50
N PHE A 43 9.23 -12.30 -0.42
CA PHE A 43 9.59 -13.68 -0.09
C PHE A 43 9.14 -14.10 1.29
N ASN A 44 8.87 -13.12 2.16
CA ASN A 44 8.41 -13.43 3.51
C ASN A 44 7.07 -14.18 3.48
N ILE A 45 6.31 -13.99 2.42
CA ILE A 45 5.06 -14.72 2.22
C ILE A 45 5.33 -16.23 2.20
N HIS A 46 6.48 -16.61 1.63
CA HIS A 46 6.85 -18.03 1.60
C HIS A 46 7.50 -18.49 2.90
N SER A 47 8.47 -17.73 3.39
CA SER A 47 9.29 -18.16 4.51
C SER A 47 8.66 -17.92 5.87
N TRP A 48 7.87 -16.86 5.98
CA TRP A 48 7.34 -16.40 7.26
C TRP A 48 8.45 -16.20 8.29
N GLU A 49 9.63 -15.84 7.80
CA GLU A 49 10.78 -15.55 8.65
C GLU A 49 10.45 -14.43 9.63
N LYS A 50 9.71 -13.43 9.14
CA LYS A 50 9.21 -12.37 9.99
C LYS A 50 7.70 -12.46 10.09
N LYS A 51 7.17 -12.12 11.26
CA LYS A 51 5.72 -12.12 11.45
C LYS A 51 5.30 -10.70 11.80
N TYR A 52 4.11 -10.32 11.36
CA TYR A 52 3.57 -8.99 11.65
C TYR A 52 2.18 -9.13 12.27
N PRO A 53 2.13 -9.32 13.60
CA PRO A 53 0.88 -9.56 14.33
C PRO A 53 0.10 -8.28 14.59
N CYS A 54 -1.21 -8.32 14.32
CA CYS A 54 -2.10 -7.21 14.68
C CYS A 54 -2.00 -7.00 16.18
N ARG A 55 -2.00 -5.76 16.61
CA ARG A 55 -1.87 -5.48 18.03
C ARG A 55 -3.25 -5.30 18.68
N TYR A 56 -4.30 -5.53 17.91
CA TYR A 56 -5.68 -5.38 18.38
C TYR A 56 -6.47 -6.67 18.31
N CYS A 57 -5.98 -7.63 17.51
CA CYS A 57 -6.59 -8.95 17.43
C CYS A 57 -5.53 -10.00 17.11
N GLU A 58 -5.96 -11.23 16.86
CA GLU A 58 -5.07 -12.38 16.70
C GLU A 58 -4.42 -12.52 15.32
N LYS A 59 -4.86 -11.72 14.36
CA LYS A 59 -4.41 -11.88 12.98
C LYS A 59 -2.93 -11.57 12.79
N VAL A 60 -2.29 -12.29 11.86
CA VAL A 60 -0.87 -12.12 11.60
C VAL A 60 -0.66 -11.92 10.10
N PHE A 61 0.21 -10.98 9.74
CA PHE A 61 0.44 -10.66 8.33
C PHE A 61 1.88 -10.91 7.89
N PRO A 62 2.08 -11.19 6.58
CA PRO A 62 3.42 -11.43 6.02
C PRO A 62 4.13 -10.15 5.58
N LEU A 63 3.41 -9.04 5.47
CA LEU A 63 3.99 -7.75 5.13
C LEU A 63 3.57 -6.72 6.16
N ALA A 64 4.50 -5.86 6.55
CA ALA A 64 4.22 -4.83 7.55
C ALA A 64 3.08 -3.92 7.06
N GLU A 65 3.08 -3.60 5.78
CA GLU A 65 2.07 -2.65 5.29
C GLU A 65 0.66 -3.26 5.33
N TYR A 66 0.57 -4.59 5.21
CA TYR A 66 -0.72 -5.27 5.30
C TYR A 66 -1.26 -5.13 6.72
N ARG A 67 -0.37 -5.29 7.71
CA ARG A 67 -0.78 -5.12 9.08
C ARG A 67 -1.26 -3.68 9.32
N THR A 68 -0.53 -2.71 8.78
CA THR A 68 -0.88 -1.29 9.03
C THR A 68 -2.27 -0.95 8.49
N ALA A 69 -2.56 -1.37 7.26
CA ALA A 69 -3.87 -1.12 6.65
C ALA A 69 -4.99 -1.73 7.50
N HIS A 70 -4.74 -2.95 7.97
CA HIS A 70 -5.65 -3.66 8.87
C HIS A 70 -5.83 -2.94 10.21
N GLU A 71 -4.74 -2.45 10.80
CA GLU A 71 -4.83 -1.78 12.10
C GLU A 71 -5.56 -0.45 11.99
N ILE A 72 -5.44 0.24 10.85
CA ILE A 72 -6.22 1.46 10.66
C ILE A 72 -7.72 1.15 10.68
N HIS A 73 -8.10 -0.02 10.16
CA HIS A 73 -9.50 -0.45 10.22
C HIS A 73 -9.98 -0.59 11.67
N HIS A 74 -9.13 -1.10 12.55
CA HIS A 74 -9.48 -1.20 13.95
C HIS A 74 -9.78 0.17 14.57
N THR A 75 -8.98 1.18 14.26
CA THR A 75 -9.11 2.47 14.96
C THR A 75 -10.20 3.36 14.38
N GLY A 76 -10.54 3.12 13.11
CA GLY A 76 -11.59 3.90 12.47
C GLY A 76 -11.16 5.27 11.95
N GLU A 77 -9.87 5.55 12.00
CA GLU A 77 -9.36 6.81 11.46
C GLU A 77 -9.67 6.94 9.98
N ARG A 78 -10.09 8.14 9.57
CA ARG A 78 -10.38 8.40 8.17
C ARG A 78 -9.39 9.42 7.60
N ARG A 79 -8.29 8.92 7.02
CA ARG A 79 -7.19 9.81 6.65
C ARG A 79 -7.30 10.48 5.29
N TYR A 80 -8.13 9.92 4.41
CA TYR A 80 -8.23 10.41 3.03
C TYR A 80 -9.41 11.34 2.92
N GLN A 81 -9.14 12.61 2.62
CA GLN A 81 -10.23 13.59 2.58
C GLN A 81 -10.43 14.17 1.18
N CYS A 82 -11.67 14.12 0.71
CA CYS A 82 -12.04 14.75 -0.56
C CYS A 82 -12.00 16.27 -0.40
N LEU A 83 -11.28 16.96 -1.27
CA LEU A 83 -11.15 18.41 -1.16
C LEU A 83 -12.33 19.15 -1.81
N ALA A 84 -13.09 18.45 -2.64
CA ALA A 84 -14.27 19.04 -3.26
C ALA A 84 -15.44 19.19 -2.30
N CYS A 85 -15.66 18.22 -1.41
CA CYS A 85 -16.82 18.29 -0.52
C CYS A 85 -16.49 18.03 0.96
N GLY A 86 -15.25 17.67 1.24
CA GLY A 86 -14.82 17.44 2.62
C GLY A 86 -15.07 16.08 3.25
N LYS A 87 -15.79 15.20 2.56
CA LYS A 87 -16.01 13.85 3.10
C LYS A 87 -14.66 13.14 3.24
N SER A 88 -14.56 12.31 4.27
CA SER A 88 -13.32 11.56 4.54
C SER A 88 -13.52 10.05 4.47
N PHE A 89 -12.44 9.35 4.16
CA PHE A 89 -12.46 7.92 3.81
C PHE A 89 -11.29 7.19 4.45
N ILE A 90 -11.48 5.88 4.63
CA ILE A 90 -10.51 5.00 5.30
C ILE A 90 -9.27 4.72 4.43
N ASN A 91 -9.47 4.65 3.12
CA ASN A 91 -8.34 4.33 2.25
C ASN A 91 -8.45 5.00 0.88
N TYR A 92 -7.43 4.81 0.05
CA TYR A 92 -7.40 5.44 -1.25
C TYR A 92 -8.57 4.98 -2.11
N GLN A 93 -8.89 3.69 -2.06
CA GLN A 93 -9.94 3.14 -2.91
C GLN A 93 -11.30 3.74 -2.65
N PHE A 94 -11.67 3.88 -1.37
CA PHE A 94 -12.93 4.54 -1.02
C PHE A 94 -12.93 5.99 -1.52
N MET A 95 -11.82 6.69 -1.30
CA MET A 95 -11.70 8.09 -1.72
C MET A 95 -11.85 8.20 -3.24
N SER A 96 -11.14 7.34 -3.96
CA SER A 96 -11.15 7.42 -5.42
C SER A 96 -12.51 7.11 -6.02
N SER A 97 -13.15 6.07 -5.50
CA SER A 97 -14.49 5.68 -5.93
C SER A 97 -15.45 6.85 -5.77
N HIS A 98 -15.36 7.51 -4.62
CA HIS A 98 -16.17 8.67 -4.34
C HIS A 98 -15.93 9.81 -5.34
N ILE A 99 -14.67 10.17 -5.55
CA ILE A 99 -14.37 11.33 -6.38
C ILE A 99 -14.76 11.05 -7.83
N LYS A 100 -14.56 9.80 -8.27
CA LYS A 100 -14.95 9.47 -9.64
C LYS A 100 -16.48 9.46 -9.82
N SER A 101 -17.20 8.91 -8.86
CA SER A 101 -18.66 8.75 -9.02
C SER A 101 -19.43 10.04 -8.71
N VAL A 102 -19.04 10.74 -7.67
CA VAL A 102 -19.76 11.95 -7.26
C VAL A 102 -19.27 13.21 -7.98
N HIS A 103 -17.96 13.31 -8.19
CA HIS A 103 -17.41 14.54 -8.77
C HIS A 103 -16.96 14.37 -10.22
N SER A 104 -17.01 13.14 -10.74
CA SER A 104 -16.65 12.87 -12.13
C SER A 104 -15.26 13.42 -12.43
N GLN A 105 -14.33 13.15 -11.51
CA GLN A 105 -12.94 13.53 -11.65
C GLN A 105 -12.05 12.38 -11.23
N ASP A 106 -10.83 12.35 -11.75
CA ASP A 106 -9.89 11.28 -11.42
C ASP A 106 -8.73 11.81 -10.55
N PRO A 107 -8.61 11.33 -9.30
CA PRO A 107 -7.57 11.87 -8.42
C PRO A 107 -6.15 11.49 -8.84
N SER A 108 -6.01 10.53 -9.74
N SER A 108 -6.03 10.50 -9.72
CA SER A 108 -4.71 10.19 -10.28
CA SER A 108 -4.73 9.98 -10.13
C SER A 108 -4.36 11.11 -11.46
C SER A 108 -3.81 11.04 -10.72
N GLY A 109 -5.26 12.06 -11.74
N GLY A 109 -2.51 10.86 -10.53
CA GLY A 109 -5.05 13.04 -12.80
CA GLY A 109 -1.52 11.82 -11.00
C GLY A 109 -3.99 14.07 -12.47
C GLY A 109 -1.09 12.75 -9.89
N ASP A 110 -4.06 15.23 -13.14
N ASP A 110 -1.28 14.04 -10.10
CA ASP A 110 -3.05 16.26 -13.00
CA ASP A 110 -1.01 15.06 -9.08
C ASP A 110 -3.35 17.24 -11.87
C ASP A 110 -2.04 16.17 -9.19
N SER A 111 -4.43 16.98 -11.14
N SER A 111 -3.31 15.80 -9.26
CA SER A 111 -4.86 17.88 -10.08
CA SER A 111 -4.39 16.74 -9.52
C SER A 111 -4.84 17.18 -8.72
C SER A 111 -4.92 17.42 -8.26
N LYS A 112 -4.66 17.97 -7.65
N LYS A 112 -4.40 17.01 -7.10
CA LYS A 112 -4.76 17.45 -6.30
CA LYS A 112 -4.72 17.62 -5.82
C LYS A 112 -6.19 17.59 -5.78
C LYS A 112 -6.22 17.58 -5.48
N LEU A 113 -6.89 16.47 -5.77
CA LEU A 113 -8.31 16.39 -5.41
C LEU A 113 -8.58 15.84 -4.00
N TYR A 114 -7.53 15.31 -3.35
CA TYR A 114 -7.67 14.80 -1.99
C TYR A 114 -6.46 15.16 -1.16
N ARG A 115 -6.63 15.08 0.17
CA ARG A 115 -5.58 15.31 1.14
C ARG A 115 -5.42 14.00 1.90
N LEU A 116 -4.18 13.50 2.02
CA LEU A 116 -3.88 12.41 2.95
C LEU A 116 -3.37 12.99 4.27
N HIS A 117 -4.21 12.91 5.30
CA HIS A 117 -3.82 13.37 6.63
C HIS A 117 -2.75 12.45 7.24
N PRO A 118 -1.88 13.01 8.10
CA PRO A 118 -0.98 12.15 8.89
C PRO A 118 -1.77 11.11 9.68
N CYS A 119 -1.13 9.99 9.94
CA CYS A 119 -1.75 8.96 10.75
C CYS A 119 -1.59 9.32 12.22
N ARG A 120 -2.72 9.61 12.88
CA ARG A 120 -2.70 9.98 14.29
C ARG A 120 -3.28 8.93 15.22
N SER A 121 -3.98 7.92 14.71
CA SER A 121 -4.64 6.94 15.59
C SER A 121 -3.72 5.83 16.06
N LEU A 122 -2.58 5.72 15.42
CA LEU A 122 -1.56 4.79 15.85
C LEU A 122 -0.19 5.31 15.44
N GLN A 123 0.86 4.58 15.82
CA GLN A 123 2.21 5.05 15.59
C GLN A 123 2.85 4.38 14.38
N ILE A 124 2.95 5.13 13.29
CA ILE A 124 3.76 4.72 12.14
C ILE A 124 4.68 5.88 11.78
N ARG A 125 5.73 5.63 10.98
CA ARG A 125 6.68 6.70 10.68
C ARG A 125 6.03 7.78 9.82
N GLN A 126 6.44 9.03 10.08
CA GLN A 126 5.80 10.21 9.50
C GLN A 126 6.60 10.79 8.35
N TYR A 127 6.00 11.73 7.62
CA TYR A 127 6.63 12.36 6.47
C TYR A 127 6.68 13.87 6.58
ZN ZN D . 7.50 -15.98 -4.55
ZN ZN E . -6.65 -7.00 14.00
ZN ZN F . -16.37 14.76 -2.40
CL CL G . -10.34 10.71 11.58
#